data_4LDC
#
_entry.id   4LDC
#
_cell.length_a   90.802
_cell.length_b   40.091
_cell.length_c   36.922
_cell.angle_alpha   90.00
_cell.angle_beta   105.47
_cell.angle_gamma   90.00
#
_symmetry.space_group_name_H-M   'C 1 2 1'
#
loop_
_entity.id
_entity.type
_entity.pdbx_description
1 polymer 'Double C2-like domain-containing protein beta'
2 non-polymer 'CALCIUM ION'
3 non-polymer 'CITRATE ANION'
4 water water
#
_entity_poly.entity_id   1
_entity_poly.type   'polypeptide(L)'
_entity_poly.pdbx_seq_one_letter_code
;GEERGRILISLKYSSQKQGLLVGIVRCAHLAAMDANGYSDPYVKTYLKPDVDKKSKHKTAVKKKTLNPEFNEEFCYEIKH
GDLAKKTLEVTVWDYDIGKSNDFIGGVVLGINAKGERLKHWFDCLKNKDKRIERWHTLTNEIPGAVLSD
;
_entity_poly.pdbx_strand_id   A
#
loop_
_chem_comp.id
_chem_comp.type
_chem_comp.name
_chem_comp.formula
CA non-polymer 'CALCIUM ION' 'Ca 2'
FLC non-polymer 'CITRATE ANION' 'C6 H5 O7 -3'
#
# COMPACT_ATOMS: atom_id res chain seq x y z
N GLY A 1 4.59 5.70 16.02
CA GLY A 1 3.32 5.49 15.26
C GLY A 1 2.50 4.39 15.89
N GLU A 2 1.18 4.54 15.80
CA GLU A 2 0.27 3.56 16.35
C GLU A 2 -0.22 2.59 15.27
N GLU A 3 -0.59 1.38 15.68
CA GLU A 3 -0.98 0.33 14.76
C GLU A 3 -2.42 0.49 14.32
N ARG A 4 -2.67 0.26 13.04
CA ARG A 4 -4.00 0.47 12.48
C ARG A 4 -4.47 -0.72 11.65
N GLY A 5 -3.88 -1.89 11.89
CA GLY A 5 -4.21 -3.08 11.14
C GLY A 5 -3.00 -3.58 10.38
N ARG A 6 -3.22 -4.58 9.54
CA ARG A 6 -2.15 -5.21 8.79
C ARG A 6 -2.56 -5.32 7.33
N ILE A 7 -1.57 -5.24 6.44
CA ILE A 7 -1.79 -5.37 5.01
C ILE A 7 -0.79 -6.36 4.43
N LEU A 8 -1.28 -7.21 3.55
CA LEU A 8 -0.47 -8.21 2.85
C LEU A 8 -0.19 -7.69 1.45
N ILE A 9 1.08 -7.42 1.17
CA ILE A 9 1.52 -6.84 -0.09
C ILE A 9 2.43 -7.81 -0.81
N SER A 10 2.21 -7.96 -2.11
CA SER A 10 3.11 -8.75 -2.94
CA SER A 10 3.10 -8.75 -2.94
C SER A 10 3.89 -7.83 -3.85
N LEU A 11 5.18 -8.13 -4.03
CA LEU A 11 6.05 -7.38 -4.92
C LEU A 11 6.77 -8.36 -5.82
N LYS A 12 6.80 -8.07 -7.11
CA LYS A 12 7.60 -8.86 -8.04
C LYS A 12 8.14 -7.96 -9.11
N TYR A 13 9.45 -7.92 -9.28
CA TYR A 13 10.00 -7.20 -10.41
C TYR A 13 10.11 -8.16 -11.59
N SER A 14 9.38 -7.85 -12.65
CA SER A 14 9.41 -8.64 -13.87
C SER A 14 10.45 -8.12 -14.86
N SER A 15 11.45 -8.94 -15.13
CA SER A 15 12.47 -8.61 -16.13
C SER A 15 11.89 -8.43 -17.53
N GLN A 16 10.96 -9.29 -17.90
CA GLN A 16 10.32 -9.25 -19.22
C GLN A 16 9.55 -7.96 -19.41
N LYS A 17 8.71 -7.63 -18.45
CA LYS A 17 7.86 -6.45 -18.52
C LYS A 17 8.64 -5.18 -18.23
N GLN A 18 9.79 -5.32 -17.57
CA GLN A 18 10.49 -4.19 -17.01
C GLN A 18 9.54 -3.37 -16.14
N GLY A 19 8.97 -4.04 -15.15
CA GLY A 19 7.97 -3.41 -14.32
C GLY A 19 7.89 -4.06 -12.96
N LEU A 20 7.50 -3.23 -12.00
CA LEU A 20 7.25 -3.68 -10.65
C LEU A 20 5.78 -4.00 -10.51
N LEU A 21 5.51 -5.28 -10.23
CA LEU A 21 4.15 -5.72 -9.98
C LEU A 21 3.86 -5.59 -8.50
N VAL A 22 2.83 -4.83 -8.18
CA VAL A 22 2.42 -4.57 -6.81
C VAL A 22 1.05 -5.19 -6.58
N GLY A 23 1.00 -6.18 -5.70
CA GLY A 23 -0.25 -6.82 -5.34
C GLY A 23 -0.73 -6.37 -3.98
N ILE A 24 -1.97 -5.88 -3.96
CA ILE A 24 -2.66 -5.58 -2.72
C ILE A 24 -3.57 -6.78 -2.48
N VAL A 25 -3.16 -7.63 -1.54
CA VAL A 25 -3.80 -8.92 -1.40
C VAL A 25 -5.00 -8.81 -0.46
N ARG A 26 -4.75 -8.50 0.81
CA ARG A 26 -5.84 -8.41 1.77
C ARG A 26 -5.32 -7.66 2.99
N CYS A 27 -6.24 -7.28 3.87
CA CYS A 27 -5.91 -6.65 5.14
C CYS A 27 -6.52 -7.43 6.29
N ALA A 28 -5.96 -7.23 7.48
CA ALA A 28 -6.46 -7.87 8.69
C ALA A 28 -6.61 -6.83 9.80
N HIS A 29 -7.75 -6.87 10.50
CA HIS A 29 -8.01 -6.05 11.70
C HIS A 29 -7.71 -4.58 11.50
N LEU A 30 -8.26 -4.05 10.42
CA LEU A 30 -8.18 -2.63 10.16
C LEU A 30 -8.90 -1.83 11.25
N ALA A 31 -8.44 -0.60 11.45
CA ALA A 31 -9.17 0.34 12.29
C ALA A 31 -10.55 0.62 11.71
N ALA A 32 -11.54 0.71 12.60
CA ALA A 32 -12.91 1.02 12.23
C ALA A 32 -13.13 2.51 12.26
N MET A 33 -13.55 3.08 11.15
CA MET A 33 -13.74 4.52 11.06
CA MET A 33 -13.74 4.52 11.06
C MET A 33 -15.18 4.92 10.78
N ASP A 34 -16.11 4.00 11.02
CA ASP A 34 -17.53 4.27 10.82
C ASP A 34 -18.30 4.08 12.13
N ALA A 35 -19.47 4.71 12.16
CA ALA A 35 -20.38 4.68 13.29
C ALA A 35 -20.94 3.29 13.56
N ASN A 36 -20.84 2.38 12.59
CA ASN A 36 -21.32 1.01 12.79
C ASN A 36 -20.27 0.04 13.35
N GLY A 37 -19.07 0.54 13.63
CA GLY A 37 -17.99 -0.29 14.15
C GLY A 37 -17.11 -0.94 13.09
N TYR A 38 -17.37 -0.60 11.83
CA TYR A 38 -16.61 -1.12 10.69
C TYR A 38 -15.93 0.02 9.92
N SER A 39 -15.45 -0.30 8.72
CA SER A 39 -14.95 0.63 7.72
C SER A 39 -15.41 0.13 6.37
N ASP A 40 -15.23 0.95 5.33
CA ASP A 40 -15.47 0.54 3.95
C ASP A 40 -14.14 0.72 3.20
N PRO A 41 -13.23 -0.23 3.39
CA PRO A 41 -11.83 0.03 2.99
C PRO A 41 -11.54 -0.06 1.50
N TYR A 42 -10.58 0.77 1.10
CA TYR A 42 -9.92 0.63 -0.19
C TYR A 42 -8.47 1.04 0.04
N VAL A 43 -7.61 0.69 -0.92
CA VAL A 43 -6.18 0.93 -0.81
C VAL A 43 -5.71 1.72 -2.00
N LYS A 44 -4.88 2.73 -1.72
CA LYS A 44 -4.22 3.49 -2.76
C LYS A 44 -2.73 3.20 -2.75
N THR A 45 -2.13 3.27 -3.94
CA THR A 45 -0.68 3.16 -4.05
C THR A 45 -0.14 4.25 -4.94
N TYR A 46 1.04 4.73 -4.56
CA TYR A 46 1.83 5.66 -5.38
C TYR A 46 3.28 5.18 -5.38
N LEU A 47 3.98 5.51 -6.44
CA LEU A 47 5.42 5.26 -6.54
C LEU A 47 6.10 6.62 -6.67
N LYS A 48 6.88 6.97 -5.66
CA LYS A 48 7.37 8.34 -5.52
C LYS A 48 8.89 8.38 -5.48
N PRO A 49 9.49 9.48 -5.94
CA PRO A 49 8.84 10.65 -6.52
C PRO A 49 8.10 10.31 -7.80
N ASP A 50 6.91 10.87 -7.92
CA ASP A 50 6.03 10.52 -9.03
C ASP A 50 6.19 11.57 -10.11
N VAL A 51 7.19 11.37 -10.96
CA VAL A 51 7.41 12.26 -12.08
C VAL A 51 6.15 12.20 -12.93
N ASP A 52 5.47 13.33 -13.06
CA ASP A 52 4.32 13.43 -13.94
C ASP A 52 3.00 13.05 -13.28
N LYS A 53 3.03 12.75 -11.99
CA LYS A 53 1.81 12.57 -11.21
C LYS A 53 0.86 11.58 -11.87
N LYS A 54 1.36 10.41 -12.23
CA LYS A 54 0.56 9.41 -12.92
C LYS A 54 0.53 8.06 -12.22
N SER A 55 1.14 7.96 -11.05
CA SER A 55 1.33 6.65 -10.42
C SER A 55 0.16 6.15 -9.57
N LYS A 56 -0.86 6.97 -9.36
CA LYS A 56 -1.95 6.58 -8.49
C LYS A 56 -2.64 5.30 -8.95
N HIS A 57 -2.80 4.35 -8.03
CA HIS A 57 -3.71 3.24 -8.24
CA HIS A 57 -3.71 3.24 -8.24
C HIS A 57 -4.62 3.12 -7.03
N LYS A 58 -5.84 2.67 -7.25
CA LYS A 58 -6.79 2.46 -6.18
C LYS A 58 -7.51 1.13 -6.38
N THR A 59 -7.66 0.38 -5.31
CA THR A 59 -8.47 -0.83 -5.36
C THR A 59 -9.94 -0.49 -5.33
N ALA A 60 -10.77 -1.50 -5.56
CA ALA A 60 -12.19 -1.42 -5.28
C ALA A 60 -12.41 -1.16 -3.79
N VAL A 61 -13.58 -0.61 -3.49
CA VAL A 61 -14.04 -0.42 -2.12
C VAL A 61 -14.77 -1.69 -1.67
N LYS A 62 -14.41 -2.19 -0.49
CA LYS A 62 -15.14 -3.29 0.12
C LYS A 62 -16.00 -2.75 1.25
N LYS A 63 -17.25 -3.14 1.29
CA LYS A 63 -18.20 -2.56 2.22
C LYS A 63 -18.20 -3.25 3.56
N LYS A 64 -18.20 -2.44 4.61
CA LYS A 64 -18.49 -2.91 5.96
C LYS A 64 -17.67 -4.13 6.35
N THR A 65 -16.36 -3.93 6.37
CA THR A 65 -15.44 -5.00 6.77
C THR A 65 -14.16 -4.40 7.30
N LEU A 66 -13.55 -5.11 8.24
CA LEU A 66 -12.24 -4.75 8.78
C LEU A 66 -11.19 -5.75 8.29
N ASN A 67 -11.61 -6.70 7.46
CA ASN A 67 -10.73 -7.75 6.96
C ASN A 67 -10.91 -7.96 5.45
N PRO A 68 -10.79 -6.87 4.67
CA PRO A 68 -11.08 -6.95 3.24
C PRO A 68 -10.08 -7.82 2.49
N GLU A 69 -10.58 -8.48 1.46
CA GLU A 69 -9.75 -9.22 0.51
C GLU A 69 -9.88 -8.55 -0.85
N PHE A 70 -8.78 -8.00 -1.34
CA PHE A 70 -8.77 -7.26 -2.61
C PHE A 70 -8.28 -8.11 -3.78
N ASN A 71 -7.15 -8.79 -3.59
CA ASN A 71 -6.53 -9.58 -4.64
C ASN A 71 -6.45 -8.81 -5.95
N GLU A 72 -5.89 -7.62 -5.88
CA GLU A 72 -5.66 -6.81 -7.07
C GLU A 72 -4.17 -6.59 -7.25
N GLU A 73 -3.72 -6.53 -8.49
CA GLU A 73 -2.33 -6.26 -8.78
C GLU A 73 -2.21 -5.24 -9.89
N PHE A 74 -1.27 -4.33 -9.70
CA PHE A 74 -0.99 -3.24 -10.64
CA PHE A 74 -1.01 -3.26 -10.67
C PHE A 74 0.47 -3.30 -11.03
N CYS A 75 0.84 -2.52 -12.04
CA CYS A 75 2.20 -2.55 -12.55
C CYS A 75 2.75 -1.16 -12.71
N TYR A 76 3.97 -0.96 -12.25
CA TYR A 76 4.70 0.28 -12.52
C TYR A 76 5.85 -0.03 -13.45
N GLU A 77 5.81 0.55 -14.65
CA GLU A 77 6.90 0.39 -15.59
C GLU A 77 8.10 1.21 -15.13
N ILE A 78 9.22 0.52 -14.93
CA ILE A 78 10.40 1.16 -14.39
C ILE A 78 11.59 0.23 -14.60
N LYS A 79 12.72 0.79 -15.02
CA LYS A 79 13.90 -0.04 -15.21
C LYS A 79 14.44 -0.44 -13.84
N HIS A 80 15.06 -1.61 -13.78
CA HIS A 80 15.44 -2.17 -12.49
C HIS A 80 16.34 -1.22 -11.72
N GLY A 81 17.24 -0.55 -12.42
CA GLY A 81 18.18 0.35 -11.80
C GLY A 81 17.57 1.61 -11.19
N ASP A 82 16.30 1.86 -11.47
CA ASP A 82 15.62 3.02 -10.90
C ASP A 82 14.80 2.65 -9.66
N LEU A 83 14.62 1.36 -9.41
CA LEU A 83 13.81 0.93 -8.27
C LEU A 83 14.31 1.54 -6.96
N ALA A 84 15.62 1.57 -6.77
CA ALA A 84 16.20 2.04 -5.52
C ALA A 84 15.99 3.54 -5.33
N LYS A 85 15.58 4.23 -6.39
CA LYS A 85 15.30 5.66 -6.31
C LYS A 85 13.91 5.96 -5.77
N LYS A 86 13.07 4.94 -5.66
CA LYS A 86 11.65 5.16 -5.38
C LYS A 86 11.20 4.62 -4.04
N THR A 87 10.09 5.17 -3.56
CA THR A 87 9.37 4.61 -2.43
C THR A 87 7.97 4.22 -2.90
N LEU A 88 7.48 3.13 -2.36
CA LEU A 88 6.12 2.70 -2.61
C LEU A 88 5.29 3.10 -1.40
N GLU A 89 4.33 3.99 -1.62
CA GLU A 89 3.46 4.46 -0.56
C GLU A 89 2.11 3.77 -0.70
N VAL A 90 1.75 3.00 0.33
CA VAL A 90 0.52 2.25 0.33
C VAL A 90 -0.36 2.75 1.49
N THR A 91 -1.54 3.28 1.15
CA THR A 91 -2.43 3.83 2.18
C THR A 91 -3.81 3.21 2.08
N VAL A 92 -4.41 3.01 3.26
CA VAL A 92 -5.70 2.38 3.40
C VAL A 92 -6.66 3.43 3.92
N TRP A 93 -7.81 3.49 3.27
CA TRP A 93 -8.82 4.51 3.49
C TRP A 93 -10.18 3.87 3.68
N ASP A 94 -11.08 4.63 4.30
CA ASP A 94 -12.45 4.22 4.57
C ASP A 94 -13.38 5.11 3.77
N TYR A 95 -13.99 4.56 2.73
CA TYR A 95 -14.93 5.29 1.91
C TYR A 95 -16.14 5.73 2.73
N ASP A 96 -16.46 7.02 2.63
CA ASP A 96 -17.63 7.61 3.28
C ASP A 96 -18.45 8.42 2.29
N ILE A 97 -19.75 8.48 2.53
CA ILE A 97 -20.65 9.39 1.83
C ILE A 97 -20.94 10.59 2.72
N GLY A 98 -20.81 11.79 2.17
CA GLY A 98 -21.19 13.00 2.90
C GLY A 98 -20.07 13.67 3.67
N LYS A 99 -18.87 13.12 3.58
CA LYS A 99 -17.70 13.68 4.22
C LYS A 99 -16.50 13.12 3.48
N SER A 100 -15.33 13.70 3.71
CA SER A 100 -14.13 13.14 3.11
CA SER A 100 -14.12 13.15 3.11
C SER A 100 -13.86 11.76 3.69
N ASN A 101 -13.26 10.91 2.88
CA ASN A 101 -12.98 9.55 3.32
C ASN A 101 -11.98 9.56 4.47
N ASP A 102 -12.16 8.67 5.43
CA ASP A 102 -11.27 8.61 6.59
C ASP A 102 -9.99 7.83 6.27
N PHE A 103 -8.87 8.34 6.72
CA PHE A 103 -7.61 7.63 6.65
C PHE A 103 -7.61 6.52 7.70
N ILE A 104 -7.24 5.32 7.29
CA ILE A 104 -7.07 4.21 8.23
C ILE A 104 -5.60 4.06 8.64
N GLY A 105 -4.71 3.88 7.68
CA GLY A 105 -3.30 3.70 8.00
C GLY A 105 -2.52 3.43 6.74
N GLY A 106 -1.20 3.33 6.85
CA GLY A 106 -0.39 3.11 5.67
C GLY A 106 0.94 2.46 5.97
N VAL A 107 1.69 2.22 4.91
CA VAL A 107 3.04 1.72 5.01
C VAL A 107 3.81 2.23 3.79
N VAL A 108 5.07 2.58 4.02
CA VAL A 108 5.96 3.03 2.97
C VAL A 108 7.16 2.09 2.86
N LEU A 109 7.40 1.58 1.65
CA LEU A 109 8.52 0.67 1.39
C LEU A 109 9.56 1.38 0.54
N GLY A 110 10.84 1.16 0.82
CA GLY A 110 11.91 1.80 0.05
C GLY A 110 13.23 1.51 0.69
N ILE A 111 14.31 1.88 0.01
CA ILE A 111 15.63 1.53 0.55
C ILE A 111 16.01 2.44 1.73
N ASN A 112 15.24 3.51 1.95
CA ASN A 112 15.45 4.39 3.08
C ASN A 112 14.55 4.03 4.28
N ALA A 113 13.81 2.94 4.15
CA ALA A 113 12.96 2.44 5.23
C ALA A 113 13.77 1.61 6.22
N LYS A 114 13.07 0.99 7.17
CA LYS A 114 13.72 0.25 8.26
C LYS A 114 12.99 -1.07 8.49
N GLY A 115 13.66 -2.00 9.16
CA GLY A 115 13.02 -3.25 9.53
C GLY A 115 12.46 -3.95 8.30
N GLU A 116 11.24 -4.48 8.42
CA GLU A 116 10.67 -5.22 7.30
C GLU A 116 10.18 -4.33 6.17
N ARG A 117 9.97 -3.05 6.46
CA ARG A 117 9.63 -2.11 5.38
C ARG A 117 10.81 -2.04 4.39
N LEU A 118 12.02 -2.08 4.94
CA LEU A 118 13.24 -2.10 4.14
C LEU A 118 13.47 -3.47 3.54
N LYS A 119 13.36 -4.51 4.36
CA LYS A 119 13.72 -5.84 3.91
C LYS A 119 12.81 -6.35 2.79
N HIS A 120 11.52 -6.04 2.87
CA HIS A 120 10.61 -6.46 1.80
C HIS A 120 11.04 -5.83 0.46
N TRP A 121 11.33 -4.54 0.49
CA TRP A 121 11.75 -3.83 -0.71
C TRP A 121 13.05 -4.39 -1.23
N PHE A 122 14.04 -4.52 -0.33
CA PHE A 122 15.34 -5.03 -0.70
C PHE A 122 15.25 -6.44 -1.27
N ASP A 123 14.41 -7.29 -0.66
CA ASP A 123 14.26 -8.67 -1.13
C ASP A 123 13.71 -8.68 -2.55
N CYS A 124 12.77 -7.78 -2.84
CA CYS A 124 12.25 -7.68 -4.19
C CYS A 124 13.34 -7.25 -5.16
N LEU A 125 14.04 -6.17 -4.82
CA LEU A 125 15.08 -5.62 -5.69
C LEU A 125 16.21 -6.61 -5.96
N LYS A 126 16.55 -7.43 -4.97
CA LYS A 126 17.70 -8.33 -5.09
C LYS A 126 17.32 -9.68 -5.70
N ASN A 127 16.02 -9.94 -5.87
CA ASN A 127 15.53 -11.21 -6.41
C ASN A 127 14.57 -10.96 -7.58
N LYS A 128 15.12 -10.62 -8.73
CA LYS A 128 14.31 -10.39 -9.91
C LYS A 128 13.47 -11.62 -10.25
N ASP A 129 12.25 -11.38 -10.70
CA ASP A 129 11.35 -12.43 -11.17
C ASP A 129 10.95 -13.40 -10.06
N LYS A 130 11.06 -12.96 -8.81
CA LYS A 130 10.61 -13.74 -7.67
C LYS A 130 9.60 -12.90 -6.88
N ARG A 131 8.41 -13.44 -6.72
CA ARG A 131 7.36 -12.74 -5.98
C ARG A 131 7.64 -12.84 -4.49
N ILE A 132 7.69 -11.68 -3.83
CA ILE A 132 7.92 -11.58 -2.39
C ILE A 132 6.65 -10.98 -1.77
N GLU A 133 5.98 -11.76 -0.92
CA GLU A 133 4.69 -11.38 -0.36
C GLU A 133 4.85 -11.36 1.15
N ARG A 134 4.50 -10.25 1.77
CA ARG A 134 4.77 -10.05 3.18
C ARG A 134 3.72 -9.14 3.82
N TRP A 135 3.40 -9.43 5.07
CA TRP A 135 2.52 -8.61 5.88
C TRP A 135 3.27 -7.45 6.49
N HIS A 136 2.60 -6.30 6.56
CA HIS A 136 3.10 -5.14 7.28
C HIS A 136 2.01 -4.58 8.17
N THR A 137 2.42 -4.10 9.32
CA THR A 137 1.53 -3.42 10.22
C THR A 137 1.44 -1.95 9.82
N LEU A 138 0.22 -1.49 9.65
CA LEU A 138 -0.06 -0.12 9.23
C LEU A 138 0.20 0.87 10.35
N THR A 139 0.79 2.00 9.98
CA THR A 139 0.94 3.12 10.89
C THR A 139 -0.13 4.18 10.65
N ASN A 140 -0.42 4.95 11.69
CA ASN A 140 -1.32 6.09 11.58
C ASN A 140 -0.59 7.35 11.11
N GLU A 141 0.73 7.26 10.93
CA GLU A 141 1.57 8.41 10.58
C GLU A 141 2.24 8.24 9.22
N ILE A 142 1.63 8.83 8.20
CA ILE A 142 2.17 8.78 6.83
C ILE A 142 2.40 10.22 6.38
N PRO A 143 3.65 10.57 6.07
CA PRO A 143 3.92 11.93 5.60
C PRO A 143 3.02 12.32 4.43
N GLY A 144 2.35 13.45 4.57
CA GLY A 144 1.47 13.97 3.55
C GLY A 144 0.04 13.49 3.65
N ALA A 145 -0.24 12.60 4.59
CA ALA A 145 -1.61 12.11 4.79
C ALA A 145 -2.34 12.97 5.84
N VAL A 146 -2.53 12.46 7.06
CA VAL A 146 -3.27 13.21 8.09
C VAL A 146 -2.40 13.34 9.36
N LEU A 147 -2.80 14.22 10.27
CA LEU A 147 -2.11 14.31 11.57
C LEU A 147 -2.20 12.99 12.31
N SER A 148 -1.16 12.67 13.06
CA SER A 148 -1.15 11.51 13.95
C SER A 148 -2.24 11.69 15.00
N ASP A 149 -2.74 10.56 15.50
CA ASP A 149 -3.74 10.53 16.57
C ASP A 149 -3.36 9.46 17.58
CA CA B . -15.93 6.88 8.18
CA CA C . -17.28 4.36 5.64
CAC FLC D . -17.85 -8.66 12.85
CA FLC D . -16.75 -9.59 12.51
CB FLC D . -15.81 -9.02 11.49
CBC FLC D . -14.74 -10.07 11.42
CG FLC D . -16.45 -8.84 10.15
CGC FLC D . -15.55 -8.24 9.11
OA1 FLC D . -17.79 -7.97 13.91
OA2 FLC D . -18.84 -8.56 12.08
OB1 FLC D . -13.63 -9.87 11.99
OB2 FLC D . -14.99 -11.15 10.83
OG1 FLC D . -14.56 -7.54 9.43
OG2 FLC D . -15.81 -8.38 7.89
OHB FLC D . -15.32 -7.82 11.97
HA1 FLC D . -16.26 -9.76 13.33
HA2 FLC D . -17.12 -10.42 12.17
HG1 FLC D . -17.19 -8.23 10.28
HG2 FLC D . -16.80 -9.69 9.82
HOB FLC D . -14.67 -7.98 12.55
#